data_7XFS
#
_entry.id   7XFS
#
_cell.length_a   34.640
_cell.length_b   49.466
_cell.length_c   100.245
_cell.angle_alpha   90.000
_cell.angle_beta   90.000
_cell.angle_gamma   90.000
#
_symmetry.space_group_name_H-M   'P 21 2 21'
#
loop_
_entity.id
_entity.type
_entity.pdbx_description
1 polymer 'Putative zinc metalloprotease PA3649'
2 water water
#
_entity_poly.entity_id   1
_entity_poly.type   'polypeptide(L)'
_entity_poly.pdbx_seq_one_letter_code
;SVRPVIGSVAPESLAAQAGLEAGQELLAVDGEPVTGWNGVNLQLVRRLGESGTLEVRVQEKGSNVDSTHQVRLDGWLKGE
DNPDPIASLGIRPWRP
;
_entity_poly.pdbx_strand_id   A,B
#
# COMPACT_ATOMS: atom_id res chain seq x y z
N SER A 1 6.03 12.01 -11.17
CA SER A 1 6.12 10.90 -10.19
C SER A 1 7.53 10.32 -10.19
N VAL A 2 7.97 9.84 -9.03
CA VAL A 2 9.26 9.16 -8.94
C VAL A 2 9.13 7.84 -9.67
N ARG A 3 9.93 7.67 -10.70
CA ARG A 3 9.84 6.45 -11.48
C ARG A 3 10.17 5.24 -10.63
N PRO A 4 9.47 4.11 -10.82
CA PRO A 4 9.62 2.94 -9.94
C PRO A 4 10.82 2.10 -10.34
N VAL A 5 11.95 2.38 -9.72
CA VAL A 5 13.20 1.67 -9.95
C VAL A 5 13.43 0.74 -8.77
N ILE A 6 13.90 -0.46 -9.06
CA ILE A 6 14.23 -1.42 -8.03
C ILE A 6 15.53 -0.99 -7.34
N GLY A 7 15.47 -0.83 -6.03
CA GLY A 7 16.65 -0.51 -5.23
C GLY A 7 17.48 -1.72 -4.90
N SER A 8 16.83 -2.75 -4.41
CA SER A 8 17.49 -4.00 -4.06
C SER A 8 16.54 -5.16 -4.24
N VAL A 9 17.13 -6.32 -4.50
CA VAL A 9 16.41 -7.59 -4.63
C VAL A 9 17.09 -8.58 -3.69
N ALA A 10 16.33 -9.11 -2.75
CA ALA A 10 16.88 -10.06 -1.79
C ALA A 10 17.23 -11.37 -2.50
N PRO A 11 18.40 -11.94 -2.21
CA PRO A 11 18.75 -13.23 -2.81
C PRO A 11 17.67 -14.29 -2.55
N GLU A 12 17.43 -15.11 -3.57
CA GLU A 12 16.48 -16.23 -3.54
C GLU A 12 15.02 -15.80 -3.39
N SER A 13 14.74 -14.51 -3.51
CA SER A 13 13.37 -14.03 -3.41
C SER A 13 12.59 -14.35 -4.69
N LEU A 14 11.28 -14.13 -4.63
CA LEU A 14 10.45 -14.33 -5.80
C LEU A 14 10.94 -13.45 -6.94
N ALA A 15 11.28 -12.19 -6.63
CA ALA A 15 11.79 -11.29 -7.66
C ALA A 15 13.12 -11.78 -8.22
N ALA A 16 14.05 -12.20 -7.36
CA ALA A 16 15.33 -12.68 -7.84
C ALA A 16 15.16 -13.87 -8.76
N GLN A 17 14.31 -14.82 -8.36
CA GLN A 17 14.13 -16.04 -9.14
C GLN A 17 13.49 -15.76 -10.47
N ALA A 18 12.78 -14.65 -10.58
CA ALA A 18 12.17 -14.24 -11.84
C ALA A 18 13.08 -13.38 -12.70
N GLY A 19 14.31 -13.11 -12.26
CA GLY A 19 15.23 -12.31 -13.05
C GLY A 19 15.15 -10.82 -12.85
N LEU A 20 14.41 -10.34 -11.87
CA LEU A 20 14.37 -8.92 -11.61
C LEU A 20 15.63 -8.51 -10.85
N GLU A 21 16.10 -7.30 -11.12
CA GLU A 21 17.39 -6.85 -10.63
C GLU A 21 17.35 -5.38 -10.22
N ALA A 22 18.20 -5.03 -9.28
CA ALA A 22 18.38 -3.64 -8.92
C ALA A 22 18.71 -2.82 -10.15
N GLY A 23 18.12 -1.64 -10.24
CA GLY A 23 18.36 -0.73 -11.32
C GLY A 23 17.34 -0.81 -12.43
N GLN A 24 16.57 -1.88 -12.50
CA GLN A 24 15.52 -1.97 -13.50
C GLN A 24 14.37 -1.05 -13.10
N GLU A 25 13.75 -0.45 -14.10
CA GLU A 25 12.60 0.41 -13.95
C GLU A 25 11.34 -0.35 -14.35
N LEU A 26 10.38 -0.43 -13.45
CA LEU A 26 9.11 -1.05 -13.80
C LEU A 26 8.34 -0.17 -14.76
N LEU A 27 7.78 -0.80 -15.80
CA LEU A 27 6.94 -0.15 -16.77
C LEU A 27 5.48 -0.57 -16.69
N ALA A 28 5.22 -1.83 -16.35
CA ALA A 28 3.86 -2.33 -16.30
C ALA A 28 3.83 -3.51 -15.37
N VAL A 29 2.68 -3.70 -14.75
CA VAL A 29 2.43 -4.87 -13.90
C VAL A 29 1.11 -5.49 -14.33
N ASP A 30 1.14 -6.77 -14.69
CA ASP A 30 -0.06 -7.46 -15.15
C ASP A 30 -0.72 -6.70 -16.30
N GLY A 31 0.13 -6.14 -17.16
CA GLY A 31 -0.32 -5.53 -18.38
C GLY A 31 -0.69 -4.08 -18.27
N GLU A 32 -0.75 -3.52 -17.06
CA GLU A 32 -1.17 -2.15 -16.88
C GLU A 32 0.00 -1.25 -16.57
N PRO A 33 0.08 -0.11 -17.23
CA PRO A 33 1.24 0.77 -17.05
C PRO A 33 1.32 1.27 -15.62
N VAL A 34 2.54 1.42 -15.15
CA VAL A 34 2.82 2.01 -13.85
C VAL A 34 3.85 3.11 -14.03
N THR A 35 3.72 4.13 -13.20
CA THR A 35 4.63 5.27 -13.20
C THR A 35 5.15 5.59 -11.81
N GLY A 36 4.83 4.79 -10.81
CA GLY A 36 5.34 4.97 -9.46
C GLY A 36 5.05 3.72 -8.65
N TRP A 37 5.76 3.59 -7.52
CA TRP A 37 5.59 2.42 -6.67
C TRP A 37 4.20 2.35 -6.07
N ASN A 38 3.54 3.49 -5.85
CA ASN A 38 2.19 3.43 -5.31
C ASN A 38 1.23 2.77 -6.30
N GLY A 39 1.38 3.07 -7.59
CA GLY A 39 0.57 2.40 -8.59
C GLY A 39 0.94 0.94 -8.75
N VAL A 40 2.22 0.61 -8.61
CA VAL A 40 2.63 -0.79 -8.57
C VAL A 40 1.86 -1.51 -7.46
N ASN A 41 1.81 -0.91 -6.27
CA ASN A 41 1.16 -1.57 -5.15
C ASN A 41 -0.30 -1.86 -5.46
N LEU A 42 -1.00 -0.94 -6.11
CA LEU A 42 -2.41 -1.20 -6.44
C LEU A 42 -2.54 -2.43 -7.33
N GLN A 43 -1.63 -2.62 -8.28
CA GLN A 43 -1.69 -3.80 -9.12
C GLN A 43 -1.35 -5.06 -8.33
N LEU A 44 -0.37 -4.99 -7.42
CA LEU A 44 -0.01 -6.17 -6.62
C LEU A 44 -1.16 -6.63 -5.74
N VAL A 45 -1.87 -5.69 -5.12
CA VAL A 45 -2.95 -6.05 -4.19
C VAL A 45 -3.98 -6.93 -4.87
N ARG A 46 -4.22 -6.72 -6.16
CA ARG A 46 -5.23 -7.46 -6.88
C ARG A 46 -4.93 -8.94 -6.95
N ARG A 47 -3.68 -9.35 -6.74
CA ARG A 47 -3.28 -10.74 -6.87
C ARG A 47 -3.06 -11.44 -5.53
N LEU A 48 -3.35 -10.78 -4.41
CA LEU A 48 -3.07 -11.38 -3.12
C LEU A 48 -3.80 -12.72 -2.97
N GLY A 49 -3.07 -13.71 -2.48
CA GLY A 49 -3.59 -15.05 -2.27
C GLY A 49 -3.60 -15.94 -3.49
N GLU A 50 -3.25 -15.42 -4.66
CA GLU A 50 -3.43 -16.14 -5.90
C GLU A 50 -2.23 -17.01 -6.23
N SER A 51 -2.45 -17.86 -7.23
CA SER A 51 -1.42 -18.66 -7.86
C SER A 51 -1.45 -18.41 -9.36
N GLY A 52 -0.27 -18.45 -9.96
CA GLY A 52 -0.09 -18.19 -11.37
C GLY A 52 1.14 -17.35 -11.54
N THR A 53 1.07 -16.36 -12.43
CA THR A 53 2.20 -15.49 -12.69
C THR A 53 1.79 -14.04 -12.55
N LEU A 54 2.69 -13.29 -11.95
CA LEU A 54 2.64 -11.85 -11.89
C LEU A 54 3.58 -11.34 -12.97
N GLU A 55 3.04 -10.63 -13.95
CA GLU A 55 3.82 -10.18 -15.09
C GLU A 55 4.40 -8.81 -14.77
N VAL A 56 5.71 -8.71 -14.77
CA VAL A 56 6.39 -7.46 -14.45
C VAL A 56 7.26 -7.10 -15.64
N ARG A 57 6.88 -6.04 -16.34
CA ARG A 57 7.63 -5.55 -17.48
C ARG A 57 8.55 -4.43 -17.01
N VAL A 58 9.83 -4.52 -17.35
CA VAL A 58 10.83 -3.57 -16.89
C VAL A 58 11.66 -3.09 -18.06
N GLN A 59 12.36 -1.99 -17.82
CA GLN A 59 13.39 -1.47 -18.70
C GLN A 59 14.71 -1.57 -17.97
N GLU A 60 15.75 -2.03 -18.67
CA GLU A 60 17.08 -2.09 -18.09
C GLU A 60 17.62 -0.70 -17.82
N LYS A 61 18.43 -0.56 -16.76
CA LYS A 61 18.96 0.75 -16.41
C LYS A 61 19.81 1.28 -17.56
N GLY A 62 19.58 2.54 -17.90
CA GLY A 62 20.38 3.18 -18.93
C GLY A 62 20.12 2.70 -20.33
N SER A 63 19.13 1.84 -20.56
CA SER A 63 18.87 1.39 -21.92
C SER A 63 17.39 1.51 -22.26
N ASN A 64 17.04 1.09 -23.48
CA ASN A 64 15.65 0.90 -23.86
C ASN A 64 15.26 -0.56 -24.01
N VAL A 65 16.08 -1.47 -23.49
CA VAL A 65 15.76 -2.89 -23.56
C VAL A 65 14.68 -3.18 -22.54
N ASP A 66 13.51 -3.60 -23.03
CA ASP A 66 12.40 -3.97 -22.14
C ASP A 66 12.32 -5.48 -22.09
N SER A 67 11.99 -6.00 -20.91
CA SER A 67 11.87 -7.43 -20.68
C SER A 67 10.69 -7.68 -19.75
N THR A 68 9.99 -8.78 -19.99
CA THR A 68 8.86 -9.16 -19.16
C THR A 68 9.27 -10.36 -18.32
N HIS A 69 9.05 -10.23 -17.02
CA HIS A 69 9.43 -11.24 -16.05
C HIS A 69 8.18 -11.82 -15.44
N GLN A 70 8.17 -13.13 -15.29
CA GLN A 70 7.02 -13.84 -14.74
C GLN A 70 7.37 -14.24 -13.30
N VAL A 71 6.87 -13.48 -12.35
CA VAL A 71 7.08 -13.78 -10.95
C VAL A 71 6.08 -14.86 -10.54
N ARG A 72 6.57 -15.90 -9.87
CA ARG A 72 5.76 -17.06 -9.53
C ARG A 72 4.94 -16.80 -8.28
N LEU A 73 3.61 -16.91 -8.43
CA LEU A 73 2.69 -16.82 -7.31
C LEU A 73 2.23 -18.23 -6.95
N ASP A 74 2.43 -18.62 -5.70
CA ASP A 74 1.99 -19.92 -5.20
C ASP A 74 1.29 -19.61 -3.87
N GLY A 75 -0.02 -19.42 -3.93
CA GLY A 75 -0.77 -19.00 -2.76
C GLY A 75 -0.12 -17.81 -2.10
N TRP A 76 0.23 -16.81 -2.90
CA TRP A 76 1.11 -15.72 -2.47
C TRP A 76 0.44 -14.87 -1.39
N LEU A 77 1.00 -14.90 -0.19
CA LEU A 77 0.48 -14.14 0.96
C LEU A 77 -0.94 -14.56 1.33
N LYS A 78 -1.33 -15.78 1.00
CA LYS A 78 -2.68 -16.24 1.25
C LYS A 78 -3.04 -16.08 2.72
N GLY A 79 -4.19 -15.46 2.98
CA GLY A 79 -4.70 -15.32 4.33
C GLY A 79 -4.11 -14.18 5.13
N GLU A 80 -2.97 -13.62 4.70
CA GLU A 80 -2.26 -12.66 5.53
C GLU A 80 -3.05 -11.38 5.66
N ASP A 81 -3.26 -10.98 6.89
CA ASP A 81 -4.06 -9.80 7.13
C ASP A 81 -3.29 -8.49 6.94
N ASN A 82 -1.97 -8.52 7.04
CA ASN A 82 -1.15 -7.31 6.95
C ASN A 82 -0.04 -7.49 5.94
N PRO A 83 -0.38 -7.80 4.68
CA PRO A 83 0.65 -8.06 3.68
C PRO A 83 1.39 -6.79 3.28
N ASP A 84 2.67 -6.96 2.98
CA ASP A 84 3.52 -5.91 2.42
C ASP A 84 3.88 -6.39 1.02
N PRO A 85 3.09 -6.05 0.01
CA PRO A 85 3.25 -6.75 -1.26
C PRO A 85 4.62 -6.59 -1.89
N ILE A 86 5.15 -5.37 -2.01
CA ILE A 86 6.43 -5.20 -2.68
C ILE A 86 7.54 -5.91 -1.91
N ALA A 87 7.57 -5.74 -0.58
CA ALA A 87 8.63 -6.35 0.21
C ALA A 87 8.56 -7.87 0.12
N SER A 88 7.35 -8.42 0.04
CA SER A 88 7.20 -9.86 0.00
C SER A 88 7.81 -10.47 -1.24
N LEU A 89 7.97 -9.68 -2.31
CA LEU A 89 8.62 -10.16 -3.52
C LEU A 89 10.13 -10.12 -3.40
N GLY A 90 10.65 -9.50 -2.35
CA GLY A 90 12.07 -9.34 -2.18
C GLY A 90 12.59 -7.97 -2.59
N ILE A 91 11.71 -7.05 -2.94
CA ILE A 91 12.10 -5.78 -3.53
C ILE A 91 12.04 -4.66 -2.52
N ARG A 92 13.11 -3.86 -2.47
CA ARG A 92 13.11 -2.56 -1.83
C ARG A 92 13.11 -1.50 -2.92
N PRO A 93 12.10 -0.63 -2.95
CA PRO A 93 12.07 0.45 -3.96
C PRO A 93 13.26 1.38 -3.79
N TRP A 94 13.80 1.85 -4.91
CA TRP A 94 14.84 2.85 -4.87
C TRP A 94 14.25 4.20 -4.46
N ARG A 95 14.96 4.90 -3.59
CA ARG A 95 14.56 6.21 -3.14
C ARG A 95 15.56 7.24 -3.62
N PRO A 96 15.11 8.36 -4.20
CA PRO A 96 16.06 9.40 -4.55
C PRO A 96 16.87 9.86 -3.34
N SER B 1 2.57 -7.71 13.42
CA SER B 1 2.56 -6.35 12.80
C SER B 1 2.44 -5.27 13.85
N VAL B 2 3.11 -4.14 13.62
CA VAL B 2 3.07 -3.03 14.55
C VAL B 2 1.63 -2.56 14.68
N ARG B 3 1.20 -2.37 15.92
CA ARG B 3 -0.18 -1.93 16.12
C ARG B 3 -0.39 -0.56 15.48
N PRO B 4 -1.54 -0.34 14.86
CA PRO B 4 -1.71 0.86 14.04
C PRO B 4 -2.14 2.05 14.86
N VAL B 5 -1.16 2.79 15.34
CA VAL B 5 -1.37 3.98 16.15
C VAL B 5 -1.04 5.21 15.32
N ILE B 6 -1.88 6.22 15.43
CA ILE B 6 -1.64 7.48 14.74
C ILE B 6 -0.55 8.25 15.48
N GLY B 7 0.52 8.58 14.75
CA GLY B 7 1.57 9.40 15.32
C GLY B 7 1.31 10.89 15.21
N SER B 8 0.79 11.33 14.08
CA SER B 8 0.41 12.72 13.91
C SER B 8 -0.70 12.80 12.88
N VAL B 9 -1.44 13.92 12.95
CA VAL B 9 -2.51 14.23 12.03
C VAL B 9 -2.27 15.62 11.49
N ALA B 10 -2.27 15.76 10.17
CA ALA B 10 -2.00 17.06 9.58
C ALA B 10 -3.18 17.99 9.84
N PRO B 11 -2.92 19.25 10.19
CA PRO B 11 -4.03 20.20 10.39
C PRO B 11 -4.91 20.29 9.15
N GLU B 12 -6.22 20.37 9.39
CA GLU B 12 -7.25 20.55 8.37
C GLU B 12 -7.39 19.36 7.43
N SER B 13 -6.75 18.24 7.73
CA SER B 13 -6.82 17.07 6.88
C SER B 13 -8.17 16.39 7.02
N LEU B 14 -8.42 15.43 6.15
CA LEU B 14 -9.62 14.61 6.28
C LEU B 14 -9.70 13.94 7.64
N ALA B 15 -8.57 13.43 8.13
CA ALA B 15 -8.55 12.77 9.43
C ALA B 15 -8.85 13.77 10.55
N ALA B 16 -8.23 14.95 10.50
CA ALA B 16 -8.49 15.95 11.52
C ALA B 16 -9.95 16.34 11.53
N GLN B 17 -10.53 16.55 10.35
CA GLN B 17 -11.91 16.99 10.29
C GLN B 17 -12.86 15.94 10.82
N ALA B 18 -12.45 14.68 10.79
CA ALA B 18 -13.23 13.58 11.31
C ALA B 18 -12.99 13.30 12.78
N GLY B 19 -12.12 14.05 13.44
CA GLY B 19 -11.86 13.83 14.85
C GLY B 19 -10.83 12.78 15.18
N LEU B 20 -10.05 12.35 14.21
CA LEU B 20 -8.94 11.44 14.50
C LEU B 20 -7.77 12.24 15.05
N GLU B 21 -7.01 11.58 15.93
CA GLU B 21 -6.03 12.24 16.75
C GLU B 21 -4.81 11.35 16.96
N ALA B 22 -3.66 12.00 17.12
CA ALA B 22 -2.47 11.30 17.55
C ALA B 22 -2.76 10.52 18.84
N GLY B 23 -2.23 9.30 18.90
CA GLY B 23 -2.42 8.44 20.02
C GLY B 23 -3.56 7.46 19.89
N GLN B 24 -4.48 7.68 18.96
CA GLN B 24 -5.54 6.73 18.72
C GLN B 24 -5.02 5.52 17.97
N GLU B 25 -5.50 4.34 18.37
CA GLU B 25 -5.20 3.08 17.71
C GLU B 25 -6.39 2.66 16.85
N LEU B 26 -6.13 2.41 15.56
CA LEU B 26 -7.20 1.93 14.69
C LEU B 26 -7.53 0.49 15.04
N LEU B 27 -8.83 0.20 15.10
CA LEU B 27 -9.35 -1.13 15.33
C LEU B 27 -10.14 -1.71 14.16
N ALA B 28 -10.80 -0.87 13.38
CA ALA B 28 -11.57 -1.36 12.24
C ALA B 28 -11.68 -0.23 11.23
N VAL B 29 -11.78 -0.61 9.96
CA VAL B 29 -12.02 0.32 8.88
C VAL B 29 -13.16 -0.26 8.04
N ASP B 30 -14.20 0.53 7.84
CA ASP B 30 -15.37 0.12 7.08
C ASP B 30 -15.93 -1.22 7.59
N GLY B 31 -15.92 -1.36 8.91
CA GLY B 31 -16.54 -2.47 9.58
C GLY B 31 -15.73 -3.73 9.62
N GLU B 32 -14.50 -3.72 9.16
CA GLU B 32 -13.67 -4.90 9.21
C GLU B 32 -12.44 -4.66 10.06
N PRO B 33 -12.06 -5.63 10.87
CA PRO B 33 -10.98 -5.41 11.82
C PRO B 33 -9.66 -5.21 11.12
N VAL B 34 -8.85 -4.35 11.72
CA VAL B 34 -7.48 -4.13 11.29
C VAL B 34 -6.56 -4.27 12.49
N THR B 35 -5.37 -4.78 12.24
CA THR B 35 -4.36 -4.97 13.27
C THR B 35 -3.00 -4.46 12.82
N GLY B 36 -2.93 -3.78 11.67
CA GLY B 36 -1.69 -3.19 11.21
C GLY B 36 -2.01 -2.22 10.10
N TRP B 37 -1.05 -1.34 9.82
CA TRP B 37 -1.25 -0.36 8.77
C TRP B 37 -1.37 -1.01 7.40
N ASN B 38 -0.75 -2.18 7.19
CA ASN B 38 -0.90 -2.84 5.89
C ASN B 38 -2.34 -3.27 5.65
N GLY B 39 -2.99 -3.79 6.69
CA GLY B 39 -4.40 -4.13 6.58
C GLY B 39 -5.29 -2.90 6.46
N VAL B 40 -4.93 -1.82 7.15
CA VAL B 40 -5.63 -0.57 6.94
C VAL B 40 -5.59 -0.19 5.47
N ASN B 41 -4.40 -0.24 4.88
CA ASN B 41 -4.26 0.16 3.49
C ASN B 41 -5.14 -0.66 2.56
N LEU B 42 -5.26 -1.96 2.79
CA LEU B 42 -6.13 -2.77 1.95
C LEU B 42 -7.57 -2.29 2.01
N GLN B 43 -8.06 -1.92 3.20
CA GLN B 43 -9.42 -1.40 3.30
C GLN B 43 -9.53 -0.04 2.59
N LEU B 44 -8.52 0.80 2.72
CA LEU B 44 -8.57 2.12 2.08
C LEU B 44 -8.61 2.01 0.56
N VAL B 45 -7.82 1.09 0.00
CA VAL B 45 -7.78 0.94 -1.46
C VAL B 45 -9.16 0.67 -2.03
N ARG B 46 -9.99 -0.06 -1.29
CA ARG B 46 -11.32 -0.42 -1.78
C ARG B 46 -12.20 0.78 -2.01
N ARG B 47 -11.87 1.94 -1.41
CA ARG B 47 -12.72 3.13 -1.52
C ARG B 47 -12.13 4.20 -2.44
N LEU B 48 -11.04 3.94 -3.14
CA LEU B 48 -10.44 4.97 -3.98
C LEU B 48 -11.42 5.46 -5.01
N GLY B 49 -11.50 6.78 -5.14
CA GLY B 49 -12.38 7.42 -6.10
C GLY B 49 -13.80 7.62 -5.64
N GLU B 50 -14.16 7.08 -4.48
CA GLU B 50 -15.54 7.04 -4.04
C GLU B 50 -15.93 8.30 -3.28
N SER B 51 -17.23 8.42 -3.08
CA SER B 51 -17.81 9.44 -2.24
C SER B 51 -18.72 8.75 -1.23
N GLY B 52 -18.78 9.35 -0.06
CA GLY B 52 -19.52 8.81 1.07
C GLY B 52 -18.69 8.95 2.31
N THR B 53 -18.72 7.93 3.15
CA THR B 53 -17.99 7.94 4.40
C THR B 53 -17.11 6.71 4.53
N LEU B 54 -15.92 6.95 5.08
CA LEU B 54 -14.98 5.93 5.47
C LEU B 54 -15.10 5.82 6.99
N GLU B 55 -15.52 4.67 7.48
CA GLU B 55 -15.77 4.47 8.90
C GLU B 55 -14.49 3.99 9.55
N VAL B 56 -14.01 4.71 10.55
CA VAL B 56 -12.77 4.37 11.22
C VAL B 56 -13.08 4.24 12.71
N ARG B 57 -12.96 3.03 13.25
CA ARG B 57 -13.15 2.78 14.67
C ARG B 57 -11.79 2.76 15.35
N VAL B 58 -11.67 3.53 16.42
CA VAL B 58 -10.40 3.70 17.11
C VAL B 58 -10.60 3.56 18.62
N GLN B 59 -9.47 3.42 19.31
CA GLN B 59 -9.41 3.42 20.75
C GLN B 59 -8.40 4.45 21.21
N GLU B 60 -8.73 5.13 22.29
CA GLU B 60 -7.81 6.10 22.88
C GLU B 60 -6.62 5.39 23.52
N LYS B 61 -5.46 6.06 23.49
CA LYS B 61 -4.31 5.55 24.20
C LYS B 61 -4.65 5.30 25.66
N GLY B 62 -4.32 4.09 26.15
CA GLY B 62 -4.38 3.75 27.55
C GLY B 62 -5.75 3.50 28.12
N SER B 63 -6.79 3.53 27.30
CA SER B 63 -8.15 3.34 27.77
C SER B 63 -8.86 2.32 26.88
N ASN B 64 -10.03 1.89 27.33
CA ASN B 64 -10.92 1.06 26.54
C ASN B 64 -11.97 1.88 25.81
N VAL B 65 -11.82 3.20 25.79
CA VAL B 65 -12.80 4.09 25.18
C VAL B 65 -12.65 3.99 23.66
N ASP B 66 -13.63 3.39 22.99
CA ASP B 66 -13.66 3.32 21.54
C ASP B 66 -14.61 4.36 20.96
N SER B 67 -14.27 4.84 19.76
CA SER B 67 -15.09 5.80 19.06
C SER B 67 -15.02 5.49 17.57
N THR B 68 -16.11 5.81 16.87
CA THR B 68 -16.20 5.60 15.43
C THR B 68 -16.28 6.95 14.75
N HIS B 69 -15.40 7.14 13.78
CA HIS B 69 -15.25 8.40 13.09
C HIS B 69 -15.63 8.21 11.64
N GLN B 70 -16.26 9.22 11.07
CA GLN B 70 -16.71 9.15 9.69
C GLN B 70 -15.86 10.14 8.90
N VAL B 71 -14.90 9.60 8.16
CA VAL B 71 -14.05 10.41 7.29
C VAL B 71 -14.79 10.67 5.99
N ARG B 72 -14.79 11.92 5.56
CA ARG B 72 -15.56 12.32 4.40
C ARG B 72 -14.80 12.02 3.11
N LEU B 73 -15.44 11.23 2.23
CA LEU B 73 -14.90 10.92 0.93
C LEU B 73 -15.64 11.72 -0.11
N ASP B 74 -14.91 12.53 -0.87
CA ASP B 74 -15.46 13.35 -1.95
C ASP B 74 -14.62 13.09 -3.17
N GLY B 75 -14.98 12.08 -3.95
CA GLY B 75 -14.17 11.68 -5.06
C GLY B 75 -12.74 11.47 -4.61
N TRP B 76 -12.56 10.72 -3.52
CA TRP B 76 -11.29 10.68 -2.79
C TRP B 76 -10.20 10.05 -3.64
N LEU B 77 -9.17 10.84 -3.97
CA LEU B 77 -8.03 10.41 -4.78
C LEU B 77 -8.46 9.99 -6.19
N LYS B 78 -9.62 10.45 -6.63
CA LYS B 78 -10.08 10.21 -7.98
C LYS B 78 -9.03 10.63 -9.01
N GLY B 79 -8.72 9.72 -9.92
CA GLY B 79 -7.82 10.01 -11.01
C GLY B 79 -6.36 9.96 -10.65
N GLU B 80 -6.01 9.63 -9.41
CA GLU B 80 -4.61 9.60 -9.04
C GLU B 80 -4.02 8.24 -9.37
N ASP B 81 -2.91 8.23 -10.11
CA ASP B 81 -2.29 6.97 -10.53
C ASP B 81 -1.42 6.38 -9.44
N ASN B 82 -0.90 7.22 -8.54
CA ASN B 82 0.04 6.79 -7.52
C ASN B 82 -0.40 7.26 -6.15
N PRO B 83 -1.60 6.87 -5.72
CA PRO B 83 -2.12 7.37 -4.44
C PRO B 83 -1.37 6.78 -3.26
N ASP B 84 -1.27 7.57 -2.19
CA ASP B 84 -0.73 7.14 -0.90
C ASP B 84 -1.92 7.25 0.06
N PRO B 85 -2.71 6.21 0.21
CA PRO B 85 -3.99 6.38 0.91
C PRO B 85 -3.87 6.89 2.34
N ILE B 86 -2.99 6.32 3.16
CA ILE B 86 -2.92 6.74 4.55
C ILE B 86 -2.46 8.19 4.64
N ALA B 87 -1.41 8.53 3.90
CA ALA B 87 -0.90 9.90 3.95
C ALA B 87 -1.94 10.89 3.45
N SER B 88 -2.76 10.49 2.47
CA SER B 88 -3.75 11.40 1.90
C SER B 88 -4.81 11.78 2.91
N LEU B 89 -5.01 10.96 3.94
CA LEU B 89 -5.95 11.29 5.00
C LEU B 89 -5.35 12.27 5.99
N GLY B 90 -4.05 12.52 5.90
CA GLY B 90 -3.38 13.35 6.86
C GLY B 90 -2.74 12.59 7.99
N ILE B 91 -2.68 11.26 7.92
CA ILE B 91 -2.20 10.42 9.01
C ILE B 91 -0.76 10.04 8.76
N ARG B 92 0.06 10.19 9.80
CA ARG B 92 1.41 9.65 9.82
C ARG B 92 1.43 8.54 10.88
N PRO B 93 1.63 7.29 10.49
CA PRO B 93 1.74 6.20 11.47
C PRO B 93 2.82 6.48 12.49
N TRP B 94 2.55 6.06 13.74
CA TRP B 94 3.54 6.10 14.82
C TRP B 94 4.52 4.95 14.61
N ARG B 95 5.77 5.31 14.41
CA ARG B 95 6.83 4.34 14.15
C ARG B 95 8.08 4.78 14.90
N PRO B 96 8.13 4.52 16.21
CA PRO B 96 9.28 4.90 17.05
C PRO B 96 10.48 4.00 16.77
#